data_9DXO
#
_entry.id   9DXO
#
_cell.length_a   1.00
_cell.length_b   1.00
_cell.length_c   1.00
_cell.angle_alpha   90.00
_cell.angle_beta   90.00
_cell.angle_gamma   90.00
#
_symmetry.space_group_name_H-M   'P 1'
#
loop_
_entity.id
_entity.type
_entity.pdbx_description
1 polymer 'Solute carrier organic anion transporter family member 1C1'
2 non-polymer 'estrone 3-sulfate'
#
_entity_poly.entity_id   1
_entity_poly.type   'polypeptide(L)'
_entity_poly.pdbx_seq_one_letter_code
;MDTSSKENIQLFCKTSVQPVGRPSFKTEYPSSEEKQPCCGELKVFLCALSFVYFAKALAEGYLKSTITQIERRFDIPSSL
VGVIDGSFEIGNLLVITFVSYFGAKLHRPKIIGAGCVIMGVGTLLIAMPQFFMEQYKYERYSPSSNSTLSISPCLLESSS
QLPVSVMEKSKSKISNECEVDTSSSMWIYVFLGNLLRGIGETPIQPLGIAYLDDFASEDNAAFYIGCVQTVAIIGPIFGA
LLGSLCAKLYVDIGFVNLDHITITPKDPQWVGAWWLGYLIAGIISLLAAVPFWYLPKSLPRSQSREDSNSSSEKSKFIID
DHTDYQTPQGENAKIMEMARDFLPSLKNLFGNPVYFLYLCTSTVQFNSLFGMVTYKPKYIEQQYGQSSSRANFVIGLINI
PAVALGIFSGGIVMKKFRISVCGAAKLYLGSSVFGYLLFLSLFALGCENSDVAGLTVSYQGTKPVSYHERALFSDCNSRC
KCSETKWEPMCGENGITYVSACLAGCQTSNRSGKNIIFYNCTCVGIAASKSGNSSGIVGRCQKDNGCPQMFLYFLVISVI
TSYTLSLGGIPGYILLLRCIKPQLKSFALGIYTLAIRVLAGIPAPVYFGVLIDTSCLKWGFKRCGSRGSCRLYDSNVFRH
IYLGLTVILGTVSILLSIAVLFILKKNYVSKHRSFITKRERTMVSTRFQKENYTTSDHLLQPNYWPGKETQLAAALEVLF
QGPGAAEDQVDPRLIDGKHHHHHHHH
;
_entity_poly.pdbx_strand_id   A
#
loop_
_chem_comp.id
_chem_comp.type
_chem_comp.name
_chem_comp.formula
FY5 non-polymer 'estrone 3-sulfate' 'C18 H22 O5 S'
#
# COMPACT_ATOMS: atom_id res chain seq x y z
N GLY A 40 17.34 -6.87 -31.12
CA GLY A 40 17.86 -5.73 -30.40
C GLY A 40 16.79 -4.70 -30.05
N GLU A 41 15.83 -4.51 -30.96
CA GLU A 41 14.75 -3.56 -30.71
C GLU A 41 13.88 -4.02 -29.54
N LEU A 42 13.67 -5.33 -29.41
CA LEU A 42 12.86 -5.85 -28.31
C LEU A 42 13.52 -5.57 -26.97
N LYS A 43 14.84 -5.75 -26.89
CA LYS A 43 15.55 -5.47 -25.65
C LYS A 43 15.47 -3.98 -25.29
N VAL A 44 15.58 -3.11 -26.30
CA VAL A 44 15.47 -1.68 -26.06
C VAL A 44 14.09 -1.34 -25.56
N PHE A 45 13.06 -1.92 -26.16
CA PHE A 45 11.69 -1.69 -25.69
C PHE A 45 11.52 -2.20 -24.25
N LEU A 46 12.10 -3.35 -23.94
CA LEU A 46 12.00 -3.89 -22.59
C LEU A 46 12.65 -2.94 -21.58
N CYS A 47 13.84 -2.42 -21.92
CA CYS A 47 14.52 -1.49 -21.03
C CYS A 47 13.71 -0.21 -20.85
N ALA A 48 13.14 0.32 -21.94
CA ALA A 48 12.33 1.54 -21.84
C ALA A 48 11.10 1.30 -20.99
N LEU A 49 10.41 0.17 -21.18
CA LEU A 49 9.22 -0.12 -20.39
C LEU A 49 9.57 -0.32 -18.93
N SER A 50 10.71 -0.96 -18.64
CA SER A 50 11.15 -1.11 -17.26
C SER A 50 11.42 0.25 -16.62
N PHE A 51 12.07 1.15 -17.36
CA PHE A 51 12.33 2.48 -16.83
C PHE A 51 11.04 3.25 -16.60
N VAL A 52 10.06 3.09 -17.49
CA VAL A 52 8.76 3.75 -17.29
C VAL A 52 8.06 3.20 -16.07
N TYR A 53 8.07 1.88 -15.89
CA TYR A 53 7.50 1.27 -14.70
C TYR A 53 8.18 1.79 -13.44
N PHE A 54 9.51 1.91 -13.48
CA PHE A 54 10.25 2.43 -12.34
C PHE A 54 9.84 3.87 -12.03
N ALA A 55 9.71 4.70 -13.07
CA ALA A 55 9.33 6.10 -12.86
C ALA A 55 7.93 6.20 -12.25
N LYS A 56 6.98 5.44 -12.78
CA LYS A 56 5.62 5.46 -12.25
C LYS A 56 5.57 4.98 -10.81
N ALA A 57 6.30 3.89 -10.51
CA ALA A 57 6.35 3.37 -9.16
C ALA A 57 7.02 4.34 -8.20
N LEU A 58 8.08 5.01 -8.63
CA LEU A 58 8.74 6.00 -7.78
C LEU A 58 7.80 7.17 -7.50
N ALA A 59 7.06 7.61 -8.51
CA ALA A 59 6.10 8.69 -8.28
C ALA A 59 5.03 8.29 -7.26
N GLU A 60 4.47 7.09 -7.41
CA GLU A 60 3.43 6.66 -6.48
C GLU A 60 4.00 6.48 -5.07
N GLY A 61 5.23 5.96 -4.97
CA GLY A 61 5.85 5.78 -3.67
C GLY A 61 6.14 7.09 -2.98
N TYR A 62 6.64 8.07 -3.74
CA TYR A 62 6.89 9.39 -3.16
C TYR A 62 5.59 10.04 -2.72
N LEU A 63 4.53 9.94 -3.52
CA LEU A 63 3.24 10.50 -3.12
C LEU A 63 2.77 9.88 -1.80
N LYS A 64 2.79 8.55 -1.72
CA LYS A 64 2.30 7.87 -0.52
C LYS A 64 3.15 8.22 0.70
N SER A 65 4.48 8.16 0.55
CA SER A 65 5.38 8.43 1.68
C SER A 65 5.27 9.87 2.14
N THR A 66 5.21 10.82 1.20
CA THR A 66 5.04 12.23 1.58
C THR A 66 3.71 12.48 2.29
N ILE A 67 2.60 11.96 1.75
CA ILE A 67 1.31 12.13 2.40
C ILE A 67 1.27 11.48 3.78
N THR A 68 1.92 10.32 3.95
CA THR A 68 1.97 9.67 5.26
C THR A 68 2.65 10.56 6.30
N GLN A 69 3.82 11.12 5.97
CA GLN A 69 4.52 11.98 6.91
C GLN A 69 3.73 13.26 7.18
N ILE A 70 3.08 13.79 6.14
CA ILE A 70 2.36 15.05 6.27
C ILE A 70 1.21 14.82 7.23
N GLU A 71 0.60 13.63 7.14
CA GLU A 71 -0.49 13.28 8.05
C GLU A 71 0.00 13.20 9.49
N ARG A 72 1.25 12.83 9.70
CA ARG A 72 1.81 12.72 11.05
C ARG A 72 2.28 14.05 11.61
N ARG A 73 2.64 15.02 10.77
CA ARG A 73 3.02 16.32 11.29
C ARG A 73 1.90 17.35 11.14
N PHE A 74 1.35 17.49 9.95
CA PHE A 74 0.27 18.42 9.68
C PHE A 74 -1.07 17.71 9.81
N ASP A 75 -2.15 18.50 9.79
CA ASP A 75 -3.51 17.99 9.93
C ASP A 75 -4.30 18.34 8.68
N ILE A 76 -4.49 17.35 7.82
CA ILE A 76 -5.42 17.47 6.68
C ILE A 76 -6.64 16.61 6.99
N PRO A 77 -7.85 17.10 6.77
CA PRO A 77 -9.02 16.23 6.98
C PRO A 77 -9.00 15.04 6.03
N SER A 78 -9.45 13.88 6.52
CA SER A 78 -9.37 12.65 5.74
C SER A 78 -10.14 12.72 4.43
N SER A 79 -11.19 13.55 4.37
CA SER A 79 -11.93 13.68 3.14
C SER A 79 -11.06 14.24 2.02
N LEU A 80 -10.20 15.20 2.34
CA LEU A 80 -9.40 15.84 1.30
C LEU A 80 -8.32 14.90 0.76
N VAL A 81 -7.64 14.16 1.63
CA VAL A 81 -6.67 13.17 1.16
C VAL A 81 -7.38 12.06 0.41
N GLY A 82 -8.60 11.72 0.83
CA GLY A 82 -9.39 10.77 0.06
C GLY A 82 -9.70 11.27 -1.33
N VAL A 83 -10.02 12.56 -1.46
CA VAL A 83 -10.26 13.16 -2.77
C VAL A 83 -8.99 13.12 -3.62
N ILE A 84 -7.85 13.42 -3.01
CA ILE A 84 -6.58 13.36 -3.71
C ILE A 84 -6.32 11.95 -4.24
N ASP A 85 -6.57 10.94 -3.41
CA ASP A 85 -6.39 9.55 -3.83
C ASP A 85 -7.38 9.17 -4.93
N GLY A 86 -8.62 9.62 -4.83
CA GLY A 86 -9.65 9.24 -5.76
C GLY A 86 -9.57 9.93 -7.10
N SER A 87 -8.91 11.08 -7.17
CA SER A 87 -8.68 11.75 -8.45
C SER A 87 -7.87 10.90 -9.41
N PHE A 88 -6.78 10.30 -8.93
CA PHE A 88 -5.99 9.36 -9.72
C PHE A 88 -6.88 8.22 -10.18
N GLU A 89 -7.77 7.76 -9.27
CA GLU A 89 -8.62 6.62 -9.58
C GLU A 89 -9.57 6.94 -10.73
N ILE A 90 -10.29 8.07 -10.66
CA ILE A 90 -11.25 8.40 -11.71
C ILE A 90 -10.52 8.66 -13.02
N GLY A 91 -9.38 9.36 -12.95
CA GLY A 91 -8.61 9.61 -14.16
C GLY A 91 -8.17 8.33 -14.84
N ASN A 92 -7.73 7.35 -14.06
CA ASN A 92 -7.31 6.08 -14.64
C ASN A 92 -8.50 5.30 -15.20
N LEU A 93 -9.59 5.20 -14.42
CA LEU A 93 -10.69 4.32 -14.79
C LEU A 93 -11.46 4.85 -15.99
N LEU A 94 -11.59 6.17 -16.11
CA LEU A 94 -12.40 6.74 -17.18
C LEU A 94 -11.82 6.45 -18.56
N VAL A 95 -10.49 6.32 -18.65
CA VAL A 95 -9.84 6.18 -19.95
C VAL A 95 -9.09 4.86 -20.12
N ILE A 96 -9.03 3.99 -19.09
CA ILE A 96 -8.26 2.76 -19.23
C ILE A 96 -8.84 1.88 -20.33
N THR A 97 -10.16 1.69 -20.35
CA THR A 97 -10.78 0.83 -21.35
C THR A 97 -10.64 1.41 -22.75
N PHE A 98 -10.87 2.72 -22.89
CA PHE A 98 -10.74 3.37 -24.19
C PHE A 98 -9.33 3.22 -24.74
N VAL A 99 -8.33 3.53 -23.93
CA VAL A 99 -6.95 3.39 -24.38
C VAL A 99 -6.64 1.94 -24.72
N SER A 100 -7.03 1.01 -23.86
CA SER A 100 -6.67 -0.39 -24.05
C SER A 100 -7.28 -0.96 -25.32
N TYR A 101 -8.51 -0.55 -25.65
CA TYR A 101 -9.17 -1.09 -26.84
C TYR A 101 -8.68 -0.39 -28.11
N PHE A 102 -8.59 0.94 -28.08
CA PHE A 102 -8.32 1.68 -29.31
C PHE A 102 -6.84 1.89 -29.59
N GLY A 103 -5.95 1.52 -28.67
CA GLY A 103 -4.54 1.71 -28.92
C GLY A 103 -3.81 0.45 -29.35
N ALA A 104 -4.53 -0.67 -29.34
CA ALA A 104 -3.93 -1.93 -29.76
C ALA A 104 -3.52 -1.90 -31.23
N LYS A 105 -4.36 -1.32 -32.09
CA LYS A 105 -4.05 -1.28 -33.51
C LYS A 105 -3.28 -0.03 -33.94
N LEU A 106 -3.06 0.90 -33.01
CA LEU A 106 -2.32 2.12 -33.30
C LEU A 106 -0.84 1.92 -32.97
N HIS A 107 -0.06 3.00 -33.01
CA HIS A 107 1.36 2.97 -32.69
C HIS A 107 1.50 2.88 -31.18
N ARG A 108 1.63 1.66 -30.65
CA ARG A 108 1.65 1.43 -29.22
C ARG A 108 2.82 2.12 -28.51
N PRO A 109 4.08 2.05 -29.02
CA PRO A 109 5.17 2.76 -28.35
C PRO A 109 4.93 4.25 -28.20
N LYS A 110 4.37 4.87 -29.24
CA LYS A 110 4.09 6.31 -29.17
C LYS A 110 2.97 6.63 -28.19
N ILE A 111 1.96 5.78 -28.06
CA ILE A 111 0.92 6.00 -27.06
C ILE A 111 1.50 5.87 -25.66
N ILE A 112 2.41 4.92 -25.46
CA ILE A 112 3.09 4.79 -24.17
C ILE A 112 3.91 6.04 -23.88
N GLY A 113 4.61 6.57 -24.89
CA GLY A 113 5.37 7.79 -24.69
C GLY A 113 4.49 8.97 -24.33
N ALA A 114 3.35 9.09 -25.02
CA ALA A 114 2.40 10.16 -24.70
C ALA A 114 1.86 10.02 -23.28
N GLY A 115 1.56 8.77 -22.87
CA GLY A 115 1.12 8.55 -21.50
C GLY A 115 2.18 8.93 -20.49
N CYS A 116 3.44 8.62 -20.78
CA CYS A 116 4.53 9.03 -19.90
C CYS A 116 4.65 10.54 -19.82
N VAL A 117 4.49 11.24 -20.94
CA VAL A 117 4.54 12.70 -20.93
C VAL A 117 3.42 13.26 -20.08
N ILE A 118 2.21 12.70 -20.22
CA ILE A 118 1.08 13.16 -19.42
C ILE A 118 1.33 12.89 -17.94
N MET A 119 1.87 11.73 -17.61
CA MET A 119 2.20 11.40 -16.22
C MET A 119 3.21 12.39 -15.65
N GLY A 120 4.27 12.70 -16.41
CA GLY A 120 5.27 13.64 -15.93
C GLY A 120 4.70 15.03 -15.74
N VAL A 121 3.86 15.48 -16.68
CA VAL A 121 3.24 16.80 -16.58
C VAL A 121 2.35 16.86 -15.34
N GLY A 122 1.56 15.81 -15.12
CA GLY A 122 0.72 15.78 -13.93
C GLY A 122 1.51 15.77 -12.64
N THR A 123 2.62 15.01 -12.61
CA THR A 123 3.45 14.97 -11.42
C THR A 123 4.08 16.33 -11.15
N LEU A 124 4.55 17.01 -12.19
CA LEU A 124 5.11 18.35 -12.00
C LEU A 124 4.07 19.33 -11.50
N LEU A 125 2.81 19.15 -11.90
CA LEU A 125 1.75 20.08 -11.51
C LEU A 125 1.42 20.00 -10.03
N ILE A 126 1.73 18.89 -9.37
CA ILE A 126 1.49 18.75 -7.93
C ILE A 126 2.36 19.69 -7.12
N ALA A 127 3.58 19.94 -7.57
CA ALA A 127 4.52 20.78 -6.84
C ALA A 127 4.33 22.25 -7.15
N MET A 128 3.35 22.57 -8.00
CA MET A 128 3.10 23.95 -8.40
C MET A 128 2.77 24.90 -7.26
N PRO A 129 1.93 24.54 -6.28
CA PRO A 129 1.56 25.53 -5.24
C PRO A 129 2.75 26.14 -4.50
N GLN A 130 3.84 25.40 -4.32
CA GLN A 130 5.01 25.96 -3.66
C GLN A 130 5.51 27.21 -4.35
N PHE A 131 5.38 27.28 -5.67
CA PHE A 131 5.84 28.43 -6.45
C PHE A 131 4.87 29.60 -6.41
N PHE A 132 3.69 29.43 -5.83
CA PHE A 132 2.73 30.52 -5.74
C PHE A 132 2.41 30.93 -4.31
N MET A 133 2.49 30.00 -3.35
CA MET A 133 2.27 30.36 -1.95
C MET A 133 3.43 31.19 -1.43
N GLU A 134 3.14 31.97 -0.40
CA GLU A 134 4.17 32.79 0.22
C GLU A 134 5.18 31.93 0.98
N GLN A 135 6.31 32.55 1.33
CA GLN A 135 7.35 31.88 2.11
C GLN A 135 6.79 31.38 3.43
N TYR A 136 7.14 30.15 3.81
CA TYR A 136 6.61 29.56 5.04
C TYR A 136 7.13 30.34 6.24
N LYS A 137 6.22 30.78 7.10
CA LYS A 137 6.55 31.56 8.28
C LYS A 137 6.19 30.75 9.52
N TYR A 138 7.14 30.60 10.43
CA TYR A 138 6.90 29.88 11.68
C TYR A 138 7.06 30.79 12.88
N THR A 182 -8.14 26.25 5.29
CA THR A 182 -6.99 25.46 4.88
C THR A 182 -7.25 24.72 3.57
N SER A 183 -8.29 25.14 2.86
CA SER A 183 -8.64 24.56 1.57
C SER A 183 -9.38 25.60 0.74
N SER A 184 -8.65 26.25 -0.17
CA SER A 184 -9.27 27.26 -1.04
C SER A 184 -8.37 27.51 -2.23
N SER A 185 -8.91 27.20 -3.42
CA SER A 185 -8.35 27.64 -4.70
C SER A 185 -6.89 27.25 -4.90
N MET A 186 -6.40 26.26 -4.16
CA MET A 186 -4.99 25.89 -4.30
C MET A 186 -4.85 24.37 -4.41
N TRP A 187 -5.92 23.64 -4.10
CA TRP A 187 -5.91 22.19 -4.20
C TRP A 187 -6.31 21.77 -5.61
N ILE A 188 -6.72 22.73 -6.43
CA ILE A 188 -7.04 22.45 -7.82
C ILE A 188 -5.80 21.94 -8.54
N TYR A 189 -4.63 22.51 -8.26
CA TYR A 189 -3.40 22.04 -8.88
C TYR A 189 -3.12 20.59 -8.51
N VAL A 190 -3.26 20.24 -7.23
CA VAL A 190 -3.01 18.87 -6.79
C VAL A 190 -4.00 17.91 -7.44
N PHE A 191 -5.28 18.29 -7.45
CA PHE A 191 -6.29 17.42 -8.04
C PHE A 191 -6.04 17.20 -9.53
N LEU A 192 -5.72 18.28 -10.26
CA LEU A 192 -5.47 18.15 -11.70
C LEU A 192 -4.21 17.33 -11.96
N GLY A 193 -3.18 17.52 -11.14
CA GLY A 193 -1.95 16.76 -11.29
C GLY A 193 -2.16 15.28 -11.05
N ASN A 194 -2.97 14.94 -10.05
CA ASN A 194 -3.24 13.53 -9.80
C ASN A 194 -4.14 12.94 -10.88
N LEU A 195 -5.08 13.74 -11.39
CA LEU A 195 -5.96 13.33 -12.49
C LEU A 195 -5.15 12.99 -13.74
N LEU A 196 -4.27 13.90 -14.15
CA LEU A 196 -3.43 13.67 -15.32
C LEU A 196 -2.43 12.54 -15.10
N ARG A 197 -1.93 12.37 -13.87
CA ARG A 197 -1.06 11.25 -13.57
C ARG A 197 -1.78 9.92 -13.66
N GLY A 198 -3.06 9.87 -13.26
CA GLY A 198 -3.84 8.67 -13.48
C GLY A 198 -4.14 8.42 -14.95
N ILE A 199 -4.44 9.48 -15.70
CA ILE A 199 -4.73 9.34 -17.12
C ILE A 199 -3.51 8.82 -17.87
N GLY A 200 -2.33 9.37 -17.59
CA GLY A 200 -1.13 8.95 -18.29
C GLY A 200 -0.68 7.55 -17.92
N GLU A 201 -1.17 7.03 -16.79
CA GLU A 201 -0.81 5.70 -16.32
C GLU A 201 -1.46 4.59 -17.15
N THR A 202 -2.62 4.85 -17.77
CA THR A 202 -3.39 3.76 -18.36
C THR A 202 -2.67 3.02 -19.48
N PRO A 203 -2.01 3.67 -20.45
CA PRO A 203 -1.45 2.91 -21.57
C PRO A 203 -0.24 2.08 -21.20
N ILE A 204 0.36 2.30 -20.03
CA ILE A 204 1.66 1.68 -19.74
C ILE A 204 1.53 0.16 -19.65
N GLN A 205 0.59 -0.33 -18.86
CA GLN A 205 0.56 -1.76 -18.60
C GLN A 205 -0.06 -2.56 -19.76
N PRO A 206 -1.29 -2.27 -20.19
CA PRO A 206 -1.88 -3.11 -21.24
C PRO A 206 -1.12 -3.07 -22.55
N LEU A 207 -0.89 -1.87 -23.11
CA LEU A 207 -0.18 -1.78 -24.37
C LEU A 207 1.25 -2.26 -24.26
N GLY A 208 1.95 -1.92 -23.17
CA GLY A 208 3.33 -2.34 -23.02
C GLY A 208 3.47 -3.85 -22.92
N ILE A 209 2.64 -4.48 -22.09
CA ILE A 209 2.71 -5.92 -21.92
C ILE A 209 2.26 -6.64 -23.19
N ALA A 210 1.27 -6.10 -23.89
CA ALA A 210 0.83 -6.70 -25.14
C ALA A 210 1.93 -6.62 -26.19
N TYR A 211 2.59 -5.47 -26.30
CA TYR A 211 3.70 -5.34 -27.23
C TYR A 211 4.82 -6.30 -26.88
N LEU A 212 5.11 -6.44 -25.58
CA LEU A 212 6.16 -7.34 -25.14
C LEU A 212 5.82 -8.80 -25.46
N ASP A 213 4.54 -9.17 -25.30
CA ASP A 213 4.14 -10.56 -25.50
C ASP A 213 4.04 -10.90 -26.98
N ASP A 214 3.63 -9.94 -27.82
CA ASP A 214 3.41 -10.23 -29.23
C ASP A 214 4.70 -10.57 -29.95
N PHE A 215 5.78 -9.87 -29.64
CA PHE A 215 7.01 -9.99 -30.42
C PHE A 215 8.11 -10.77 -29.71
N ALA A 216 7.89 -11.20 -28.48
CA ALA A 216 8.85 -12.07 -27.81
C ALA A 216 8.45 -13.53 -27.99
N SER A 217 9.46 -14.41 -27.96
CA SER A 217 9.18 -15.84 -28.03
C SER A 217 8.42 -16.27 -26.78
N GLU A 218 7.67 -17.37 -26.92
CA GLU A 218 6.79 -17.81 -25.84
C GLU A 218 7.55 -18.11 -24.55
N ASP A 219 8.82 -18.52 -24.65
CA ASP A 219 9.62 -18.75 -23.46
C ASP A 219 10.10 -17.47 -22.80
N ASN A 220 10.46 -16.45 -23.59
CA ASN A 220 11.01 -15.22 -23.05
C ASN A 220 9.94 -14.21 -22.65
N ALA A 221 8.70 -14.38 -23.10
CA ALA A 221 7.64 -13.44 -22.75
C ALA A 221 7.39 -13.44 -21.25
N ALA A 222 7.32 -14.63 -20.65
CA ALA A 222 7.12 -14.73 -19.21
C ALA A 222 8.26 -14.08 -18.43
N PHE A 223 9.51 -14.31 -18.88
CA PHE A 223 10.66 -13.70 -18.23
C PHE A 223 10.63 -12.18 -18.32
N TYR A 224 10.28 -11.66 -19.50
CA TYR A 224 10.23 -10.20 -19.65
C TYR A 224 9.12 -9.59 -18.80
N ILE A 225 7.95 -10.24 -18.75
CA ILE A 225 6.87 -9.76 -17.89
C ILE A 225 7.30 -9.81 -16.42
N GLY A 226 8.03 -10.87 -16.05
CA GLY A 226 8.52 -10.97 -14.69
C GLY A 226 9.49 -9.86 -14.34
N CYS A 227 10.40 -9.52 -15.27
CA CYS A 227 11.31 -8.41 -15.03
C CYS A 227 10.56 -7.09 -14.89
N VAL A 228 9.56 -6.87 -15.74
CA VAL A 228 8.78 -5.63 -15.68
C VAL A 228 8.06 -5.52 -14.34
N GLN A 229 7.40 -6.61 -13.90
CA GLN A 229 6.68 -6.57 -12.64
C GLN A 229 7.62 -6.47 -11.45
N THR A 230 8.80 -7.07 -11.55
CA THR A 230 9.80 -6.93 -10.49
C THR A 230 10.24 -5.47 -10.36
N VAL A 231 10.47 -4.80 -11.48
CA VAL A 231 10.75 -3.37 -11.46
C VAL A 231 9.60 -2.57 -10.86
N ALA A 232 8.36 -2.93 -11.21
CA ALA A 232 7.18 -2.26 -10.64
C ALA A 232 7.07 -2.42 -9.13
N ILE A 233 7.36 -3.60 -8.59
CA ILE A 233 7.24 -3.81 -7.15
C ILE A 233 8.32 -3.06 -6.39
N ILE A 234 9.55 -3.08 -6.88
CA ILE A 234 10.67 -2.44 -6.21
C ILE A 234 10.58 -0.92 -6.21
N GLY A 235 10.10 -0.31 -7.29
CA GLY A 235 10.06 1.13 -7.46
C GLY A 235 9.66 1.98 -6.27
N PRO A 236 8.56 1.66 -5.59
CA PRO A 236 8.12 2.50 -4.47
C PRO A 236 9.11 2.60 -3.32
N ILE A 237 10.05 1.65 -3.19
CA ILE A 237 11.09 1.78 -2.16
C ILE A 237 11.94 3.02 -2.44
N PHE A 238 12.32 3.21 -3.70
CA PHE A 238 13.10 4.41 -4.06
C PHE A 238 12.28 5.67 -3.88
N GLY A 239 10.97 5.59 -4.15
CA GLY A 239 10.09 6.72 -3.90
C GLY A 239 10.05 7.11 -2.45
N ALA A 240 9.95 6.12 -1.56
CA ALA A 240 9.98 6.38 -0.12
C ALA A 240 11.32 6.94 0.33
N LEU A 241 12.43 6.42 -0.21
CA LEU A 241 13.74 6.96 0.12
C LEU A 241 13.86 8.42 -0.32
N LEU A 242 13.38 8.73 -1.53
CA LEU A 242 13.39 10.11 -2.01
C LEU A 242 12.50 10.99 -1.12
N GLY A 243 11.36 10.46 -0.68
CA GLY A 243 10.51 11.22 0.23
C GLY A 243 11.21 11.54 1.53
N SER A 244 11.93 10.57 2.10
CA SER A 244 12.69 10.83 3.32
C SER A 244 13.75 11.88 3.09
N LEU A 245 14.50 11.76 1.98
CA LEU A 245 15.56 12.74 1.70
C LEU A 245 15.00 14.14 1.53
N CYS A 246 13.87 14.26 0.81
CA CYS A 246 13.25 15.56 0.62
C CYS A 246 12.72 16.13 1.94
N ALA A 247 12.13 15.27 2.78
CA ALA A 247 11.69 15.71 4.09
C ALA A 247 12.83 16.15 4.99
N LYS A 248 14.04 15.63 4.76
CA LYS A 248 15.21 16.11 5.51
C LYS A 248 15.67 17.48 5.08
N LEU A 249 15.15 18.00 3.96
CA LEU A 249 15.54 19.33 3.49
C LEU A 249 14.46 20.35 3.85
N TYR A 250 14.87 21.61 3.96
CA TYR A 250 13.95 22.68 4.32
C TYR A 250 13.05 23.02 3.13
N VAL A 251 11.84 23.51 3.44
CA VAL A 251 10.83 23.68 2.42
C VAL A 251 11.22 24.77 1.42
N ASP A 252 11.85 25.83 1.89
CA ASP A 252 12.18 26.98 1.05
C ASP A 252 13.64 26.94 0.58
N ILE A 253 14.17 25.75 0.34
CA ILE A 253 15.53 25.63 -0.19
C ILE A 253 15.52 26.15 -1.64
N GLY A 254 16.43 27.05 -1.95
CA GLY A 254 16.46 27.66 -3.26
C GLY A 254 15.75 29.00 -3.30
N PHE A 255 14.66 29.10 -2.55
CA PHE A 255 13.88 30.33 -2.47
C PHE A 255 14.36 31.27 -1.39
N VAL A 256 14.77 30.75 -0.24
CA VAL A 256 15.13 31.55 0.93
C VAL A 256 16.54 31.17 1.37
N ASN A 257 17.35 32.17 1.69
CA ASN A 257 18.69 31.92 2.20
C ASN A 257 18.63 31.05 3.45
N LEU A 258 19.17 29.85 3.36
CA LEU A 258 19.03 28.88 4.44
C LEU A 258 19.84 29.26 5.67
N ASP A 259 20.80 30.17 5.55
CA ASP A 259 21.61 30.56 6.70
C ASP A 259 20.80 31.25 7.79
N HIS A 260 19.66 31.85 7.44
CA HIS A 260 18.80 32.52 8.40
C HIS A 260 17.82 31.57 9.07
N ILE A 261 17.81 30.31 8.69
CA ILE A 261 16.89 29.33 9.26
C ILE A 261 17.54 28.74 10.51
N THR A 262 16.88 28.91 11.65
CA THR A 262 17.40 28.44 12.93
C THR A 262 16.74 27.16 13.43
N ILE A 263 15.87 26.55 12.64
CA ILE A 263 15.13 25.36 13.06
C ILE A 263 15.75 24.12 12.42
N THR A 264 15.70 23.02 13.14
CA THR A 264 16.21 21.72 12.74
C THR A 264 15.05 20.79 12.41
N PRO A 265 15.30 19.70 11.67
CA PRO A 265 14.20 18.76 11.37
C PRO A 265 13.52 18.18 12.59
N LYS A 266 14.20 18.13 13.74
CA LYS A 266 13.58 17.69 14.98
C LYS A 266 12.63 18.73 15.57
N ASP A 267 12.71 19.98 15.13
CA ASP A 267 11.81 21.01 15.62
C ASP A 267 10.39 20.72 15.14
N PRO A 268 9.38 20.84 16.00
CA PRO A 268 8.00 20.53 15.57
C PRO A 268 7.48 21.45 14.47
N GLN A 269 8.07 22.62 14.28
CA GLN A 269 7.63 23.54 13.23
C GLN A 269 8.41 23.38 11.94
N TRP A 270 9.32 22.41 11.87
CA TRP A 270 10.07 22.17 10.64
C TRP A 270 9.15 21.69 9.54
N VAL A 271 9.36 22.19 8.33
CA VAL A 271 8.59 21.79 7.15
C VAL A 271 9.54 21.34 6.06
N GLY A 272 9.31 20.12 5.55
CA GLY A 272 10.17 19.54 4.54
C GLY A 272 9.88 20.06 3.14
N ALA A 273 10.84 19.79 2.25
CA ALA A 273 10.72 20.17 0.84
C ALA A 273 9.93 19.09 0.09
N TRP A 274 8.61 19.09 0.35
CA TRP A 274 7.74 18.11 -0.28
C TRP A 274 7.70 18.27 -1.80
N TRP A 275 7.87 19.50 -2.28
CA TRP A 275 7.69 19.77 -3.71
C TRP A 275 8.84 19.23 -4.54
N LEU A 276 10.03 19.10 -3.94
CA LEU A 276 11.21 18.72 -4.71
C LEU A 276 11.09 17.33 -5.31
N GLY A 277 10.57 16.38 -4.54
CA GLY A 277 10.40 15.03 -5.02
C GLY A 277 9.42 14.93 -6.17
N TYR A 278 8.36 15.73 -6.15
CA TYR A 278 7.42 15.74 -7.26
C TYR A 278 8.09 16.26 -8.54
N LEU A 279 8.91 17.30 -8.42
CA LEU A 279 9.65 17.79 -9.58
C LEU A 279 10.59 16.72 -10.12
N ILE A 280 11.29 16.03 -9.21
CA ILE A 280 12.23 14.98 -9.63
C ILE A 280 11.48 13.86 -10.34
N ALA A 281 10.35 13.42 -9.78
CA ALA A 281 9.56 12.36 -10.39
C ALA A 281 9.00 12.77 -11.74
N GLY A 282 8.54 14.02 -11.87
CA GLY A 282 8.06 14.52 -13.14
C GLY A 282 9.15 14.55 -14.19
N ILE A 283 10.35 14.99 -13.81
CA ILE A 283 11.47 15.02 -14.75
C ILE A 283 11.83 13.60 -15.19
N ILE A 284 11.85 12.65 -14.25
CA ILE A 284 12.14 11.27 -14.60
C ILE A 284 11.08 10.70 -15.53
N SER A 285 9.81 10.98 -15.26
CA SER A 285 8.75 10.48 -16.14
C SER A 285 8.84 11.09 -17.54
N LEU A 286 9.17 12.38 -17.63
CA LEU A 286 9.36 13.01 -18.93
C LEU A 286 10.55 12.40 -19.68
N LEU A 287 11.65 12.13 -18.96
CA LEU A 287 12.80 11.49 -19.60
C LEU A 287 12.48 10.07 -20.06
N ALA A 288 11.58 9.39 -19.35
CA ALA A 288 11.22 8.02 -19.70
C ALA A 288 10.46 7.92 -21.02
N ALA A 289 9.89 9.02 -21.52
CA ALA A 289 9.11 8.99 -22.75
C ALA A 289 9.97 9.15 -24.00
N VAL A 290 11.23 9.54 -23.86
CA VAL A 290 12.11 9.81 -25.00
C VAL A 290 12.34 8.55 -25.84
N PRO A 291 12.71 7.39 -25.27
CA PRO A 291 13.03 6.23 -26.11
C PRO A 291 11.87 5.73 -26.96
N PHE A 292 10.63 5.97 -26.55
CA PHE A 292 9.48 5.44 -27.28
C PHE A 292 9.18 6.18 -28.58
N TRP A 293 9.76 7.36 -28.78
CA TRP A 293 9.64 8.05 -30.05
C TRP A 293 10.48 7.42 -31.14
N TYR A 294 11.42 6.56 -30.78
CA TYR A 294 12.34 5.93 -31.75
C TYR A 294 12.07 4.44 -31.90
N LEU A 295 11.05 3.91 -31.23
CA LEU A 295 10.75 2.49 -31.27
C LEU A 295 9.71 2.23 -32.36
N PRO A 296 9.82 1.14 -33.11
CA PRO A 296 8.90 0.92 -34.23
C PRO A 296 7.55 0.39 -33.78
N LYS A 297 6.54 0.55 -34.65
CA LYS A 297 5.19 0.11 -34.33
C LYS A 297 5.09 -1.40 -34.18
N SER A 298 5.86 -2.16 -34.96
CA SER A 298 5.79 -3.61 -34.92
C SER A 298 7.17 -4.18 -35.23
N LEU A 299 7.43 -5.37 -34.69
CA LEU A 299 8.69 -6.07 -34.91
C LEU A 299 8.46 -7.30 -35.76
N PRO A 300 9.49 -7.75 -36.50
CA PRO A 300 9.49 -8.97 -37.32
C PRO A 300 9.05 -10.20 -36.55
N LYS A 334 -11.33 4.26 -39.89
CA LYS A 334 -10.74 3.19 -39.10
C LYS A 334 -11.34 3.12 -37.71
N ILE A 335 -11.57 4.29 -37.12
CA ILE A 335 -12.11 4.36 -35.76
C ILE A 335 -13.53 3.80 -35.72
N MET A 336 -14.30 4.03 -36.78
CA MET A 336 -15.67 3.54 -36.82
C MET A 336 -15.73 2.02 -36.75
N GLU A 337 -14.83 1.34 -37.45
CA GLU A 337 -14.76 -0.11 -37.39
C GLU A 337 -14.43 -0.62 -36.00
N MET A 338 -13.49 0.04 -35.31
CA MET A 338 -13.21 -0.33 -33.92
C MET A 338 -14.43 -0.13 -33.04
N ALA A 339 -15.15 0.98 -33.23
CA ALA A 339 -16.34 1.22 -32.44
C ALA A 339 -17.39 0.15 -32.67
N ARG A 340 -17.56 -0.26 -33.92
CA ARG A 340 -18.49 -1.35 -34.22
C ARG A 340 -18.05 -2.67 -33.59
N ASP A 341 -16.75 -2.97 -33.63
CA ASP A 341 -16.25 -4.24 -33.12
C ASP A 341 -16.09 -4.26 -31.60
N PHE A 342 -16.24 -3.11 -30.94
CA PHE A 342 -16.01 -3.05 -29.50
C PHE A 342 -16.92 -4.02 -28.74
N LEU A 343 -18.22 -3.93 -28.98
CA LEU A 343 -19.19 -4.74 -28.23
C LEU A 343 -18.98 -6.24 -28.48
N PRO A 344 -18.83 -6.70 -29.75
CA PRO A 344 -18.53 -8.13 -29.96
C PRO A 344 -17.26 -8.60 -29.27
N SER A 345 -16.23 -7.74 -29.21
CA SER A 345 -14.99 -8.12 -28.56
C SER A 345 -15.17 -8.33 -27.06
N LEU A 346 -15.97 -7.48 -26.42
CA LEU A 346 -16.23 -7.64 -24.99
C LEU A 346 -16.93 -8.97 -24.70
N LYS A 347 -17.93 -9.30 -25.52
CA LYS A 347 -18.61 -10.59 -25.36
C LYS A 347 -17.68 -11.76 -25.64
N ASN A 348 -16.79 -11.62 -26.63
CA ASN A 348 -15.82 -12.67 -26.93
C ASN A 348 -14.89 -12.90 -25.74
N LEU A 349 -14.42 -11.82 -25.11
CA LEU A 349 -13.57 -11.98 -23.93
C LEU A 349 -14.35 -12.63 -22.79
N PHE A 350 -15.55 -12.11 -22.50
CA PHE A 350 -16.35 -12.70 -21.42
C PHE A 350 -17.04 -13.99 -21.84
N GLY A 351 -17.10 -14.31 -23.13
CA GLY A 351 -17.54 -15.62 -23.53
C GLY A 351 -16.48 -16.68 -23.35
N ASN A 352 -15.23 -16.26 -23.19
CA ASN A 352 -14.11 -17.16 -22.98
C ASN A 352 -14.10 -17.54 -21.51
N PRO A 353 -14.29 -18.82 -21.15
CA PRO A 353 -14.40 -19.20 -19.73
C PRO A 353 -13.08 -19.18 -18.95
N VAL A 354 -11.94 -19.47 -19.59
CA VAL A 354 -10.66 -19.42 -18.90
C VAL A 354 -10.37 -17.99 -18.46
N TYR A 355 -10.53 -17.03 -19.37
CA TYR A 355 -10.28 -15.63 -19.05
C TYR A 355 -11.22 -15.15 -17.95
N PHE A 356 -12.51 -15.47 -18.08
CA PHE A 356 -13.49 -15.01 -17.10
C PHE A 356 -13.20 -15.57 -15.71
N LEU A 357 -12.92 -16.88 -15.63
CA LEU A 357 -12.70 -17.48 -14.33
C LEU A 357 -11.36 -17.03 -13.72
N TYR A 358 -10.34 -16.82 -14.55
CA TYR A 358 -9.11 -16.27 -14.01
C TYR A 358 -9.31 -14.83 -13.54
N LEU A 359 -10.17 -14.08 -14.23
CA LEU A 359 -10.48 -12.73 -13.79
C LEU A 359 -11.16 -12.74 -12.43
N CYS A 360 -12.12 -13.65 -12.25
CA CYS A 360 -12.77 -13.79 -10.95
C CYS A 360 -11.78 -14.22 -9.87
N THR A 361 -10.91 -15.17 -10.21
CA THR A 361 -9.90 -15.66 -9.26
C THR A 361 -8.98 -14.53 -8.82
N SER A 362 -8.50 -13.75 -9.78
CA SER A 362 -7.61 -12.64 -9.47
C SER A 362 -8.33 -11.57 -8.67
N THR A 363 -9.61 -11.32 -9.00
CA THR A 363 -10.37 -10.34 -8.23
C THR A 363 -10.46 -10.74 -6.76
N VAL A 364 -10.83 -12.01 -6.50
CA VAL A 364 -10.95 -12.46 -5.12
C VAL A 364 -9.58 -12.45 -4.43
N GLN A 365 -8.54 -12.95 -5.12
CA GLN A 365 -7.22 -13.02 -4.53
C GLN A 365 -6.67 -11.64 -4.21
N PHE A 366 -6.87 -10.66 -5.09
CA PHE A 366 -6.41 -9.30 -4.81
C PHE A 366 -7.28 -8.62 -3.77
N ASN A 367 -8.55 -9.00 -3.66
CA ASN A 367 -9.36 -8.52 -2.55
C ASN A 367 -8.74 -8.97 -1.23
N SER A 368 -8.25 -10.21 -1.21
CA SER A 368 -7.52 -10.70 -0.04
C SER A 368 -6.21 -9.93 0.16
N LEU A 369 -5.42 -9.80 -0.90
CA LEU A 369 -4.05 -9.30 -0.81
C LEU A 369 -3.98 -7.81 -0.48
N PHE A 370 -4.84 -6.99 -1.10
CA PHE A 370 -4.84 -5.56 -0.80
C PHE A 370 -5.23 -5.32 0.65
N GLY A 371 -6.23 -6.06 1.15
CA GLY A 371 -6.58 -5.96 2.54
C GLY A 371 -5.46 -6.38 3.46
N MET A 372 -4.76 -7.45 3.10
CA MET A 372 -3.62 -7.90 3.91
C MET A 372 -2.51 -6.85 3.92
N VAL A 373 -2.19 -6.29 2.76
CA VAL A 373 -1.08 -5.35 2.64
C VAL A 373 -1.38 -4.03 3.34
N THR A 374 -2.60 -3.51 3.18
CA THR A 374 -2.93 -2.20 3.71
C THR A 374 -2.83 -2.14 5.22
N TYR A 375 -3.29 -3.16 5.93
CA TYR A 375 -3.39 -3.14 7.38
C TYR A 375 -2.34 -4.04 8.02
N LYS A 376 -1.33 -4.43 7.25
CA LYS A 376 -0.22 -5.18 7.81
C LYS A 376 0.67 -4.30 8.68
N PRO A 377 0.96 -3.02 8.31
CA PRO A 377 1.70 -2.14 9.23
C PRO A 377 1.02 -2.02 10.59
N LYS A 378 -0.24 -1.60 10.56
CA LYS A 378 -1.03 -1.44 11.77
C LYS A 378 -1.15 -2.73 12.56
N TYR A 379 -1.30 -3.87 11.89
CA TYR A 379 -1.33 -5.14 12.59
C TYR A 379 -0.03 -5.37 13.34
N ILE A 380 1.11 -5.09 12.70
CA ILE A 380 2.39 -5.25 13.37
C ILE A 380 2.48 -4.37 14.60
N GLU A 381 2.16 -3.07 14.44
CA GLU A 381 2.27 -2.15 15.57
C GLU A 381 1.37 -2.55 16.72
N GLN A 382 0.13 -2.95 16.43
CA GLN A 382 -0.82 -3.22 17.51
C GLN A 382 -0.61 -4.60 18.13
N GLN A 383 -0.35 -5.63 17.32
CA GLN A 383 -0.19 -6.97 17.84
C GLN A 383 1.15 -7.18 18.53
N TYR A 384 2.24 -6.64 17.98
CA TYR A 384 3.55 -6.92 18.52
C TYR A 384 4.23 -5.74 19.20
N GLY A 385 3.53 -4.62 19.38
CA GLY A 385 4.07 -3.52 20.17
C GLY A 385 5.21 -2.78 19.52
N GLN A 386 5.42 -2.95 18.23
CA GLN A 386 6.48 -2.23 17.53
C GLN A 386 6.02 -0.83 17.17
N SER A 387 6.99 0.05 16.99
CA SER A 387 6.69 1.42 16.56
C SER A 387 6.29 1.43 15.09
N SER A 388 5.71 2.57 14.67
CA SER A 388 5.33 2.71 13.27
C SER A 388 6.55 2.67 12.35
N SER A 389 7.67 3.24 12.79
CA SER A 389 8.88 3.23 11.98
C SER A 389 9.37 1.81 11.74
N ARG A 390 9.40 0.99 12.78
CA ARG A 390 9.83 -0.40 12.67
C ARG A 390 8.88 -1.19 11.76
N ALA A 391 7.58 -0.95 11.93
CA ALA A 391 6.58 -1.64 11.12
C ALA A 391 6.75 -1.30 9.64
N ASN A 392 6.99 -0.03 9.33
CA ASN A 392 7.22 0.36 7.94
C ASN A 392 8.54 -0.18 7.43
N PHE A 393 9.56 -0.25 8.28
CA PHE A 393 10.87 -0.75 7.87
C PHE A 393 10.81 -2.22 7.49
N VAL A 394 10.23 -3.05 8.37
CA VAL A 394 10.20 -4.49 8.11
C VAL A 394 9.35 -4.81 6.89
N ILE A 395 8.43 -3.92 6.52
CA ILE A 395 7.60 -4.17 5.34
C ILE A 395 8.31 -3.69 4.09
N GLY A 396 8.80 -2.45 4.08
CA GLY A 396 9.44 -1.90 2.91
C GLY A 396 10.73 -2.57 2.52
N LEU A 397 11.57 -2.91 3.50
CA LEU A 397 12.91 -3.40 3.18
C LEU A 397 13.06 -4.91 3.31
N ILE A 398 12.03 -5.63 3.73
CA ILE A 398 12.09 -7.08 3.88
C ILE A 398 10.98 -7.78 3.08
N ASN A 399 9.73 -7.37 3.29
CA ASN A 399 8.62 -8.04 2.60
C ASN A 399 8.57 -7.68 1.13
N ILE A 400 8.77 -6.41 0.79
CA ILE A 400 8.76 -6.00 -0.62
C ILE A 400 9.89 -6.64 -1.41
N PRO A 401 11.14 -6.71 -0.92
CA PRO A 401 12.15 -7.50 -1.64
C PRO A 401 11.76 -8.95 -1.82
N ALA A 402 11.09 -9.55 -0.84
CA ALA A 402 10.62 -10.93 -0.97
C ALA A 402 9.58 -11.05 -2.08
N VAL A 403 8.69 -10.06 -2.18
CA VAL A 403 7.69 -10.05 -3.24
C VAL A 403 8.35 -9.95 -4.61
N ALA A 404 9.31 -9.04 -4.73
CA ALA A 404 10.01 -8.86 -6.01
C ALA A 404 10.77 -10.12 -6.39
N LEU A 405 11.44 -10.74 -5.41
CA LEU A 405 12.14 -12.00 -5.67
C LEU A 405 11.18 -13.10 -6.07
N GLY A 406 10.00 -13.16 -5.45
CA GLY A 406 9.02 -14.17 -5.84
C GLY A 406 8.54 -13.99 -7.26
N ILE A 407 8.27 -12.75 -7.66
CA ILE A 407 7.83 -12.48 -9.03
C ILE A 407 8.93 -12.86 -10.02
N PHE A 408 10.16 -12.43 -9.74
CA PHE A 408 11.27 -12.74 -10.65
C PHE A 408 11.51 -14.25 -10.72
N SER A 409 11.40 -14.94 -9.59
CA SER A 409 11.57 -16.39 -9.58
C SER A 409 10.49 -17.10 -10.37
N GLY A 410 9.24 -16.64 -10.25
CA GLY A 410 8.19 -17.21 -11.07
C GLY A 410 8.45 -17.03 -12.55
N GLY A 411 8.86 -15.83 -12.95
CA GLY A 411 9.21 -15.61 -14.35
C GLY A 411 10.36 -16.49 -14.83
N ILE A 412 11.40 -16.62 -14.00
CA ILE A 412 12.56 -17.43 -14.37
C ILE A 412 12.16 -18.90 -14.48
N VAL A 413 11.32 -19.38 -13.56
CA VAL A 413 10.88 -20.77 -13.62
C VAL A 413 10.05 -21.01 -14.88
N MET A 414 9.18 -20.06 -15.23
CA MET A 414 8.40 -20.21 -16.46
C MET A 414 9.31 -20.26 -17.69
N LYS A 415 10.33 -19.40 -17.73
CA LYS A 415 11.20 -19.37 -18.91
C LYS A 415 12.08 -20.61 -19.01
N LYS A 416 12.73 -20.98 -17.90
CA LYS A 416 13.80 -21.98 -17.95
C LYS A 416 13.28 -23.38 -18.28
N PHE A 417 12.13 -23.76 -17.71
CA PHE A 417 11.59 -25.10 -17.90
C PHE A 417 10.53 -25.18 -18.99
N ARG A 418 10.31 -24.07 -19.72
CA ARG A 418 9.30 -24.02 -20.78
C ARG A 418 7.97 -24.55 -20.29
N ILE A 419 7.41 -23.89 -19.28
CA ILE A 419 6.18 -24.35 -18.64
C ILE A 419 4.99 -23.94 -19.48
N SER A 420 4.11 -24.90 -19.78
CA SER A 420 2.94 -24.66 -20.59
C SER A 420 1.87 -23.93 -19.80
N VAL A 421 0.71 -23.72 -20.43
CA VAL A 421 -0.39 -23.02 -19.78
C VAL A 421 -0.93 -23.85 -18.61
N CYS A 422 -1.06 -25.16 -18.81
CA CYS A 422 -1.51 -26.03 -17.72
C CYS A 422 -0.52 -26.03 -16.57
N GLY A 423 0.78 -26.09 -16.87
CA GLY A 423 1.78 -25.96 -15.83
C GLY A 423 1.73 -24.62 -15.14
N ALA A 424 1.43 -23.56 -15.90
CA ALA A 424 1.30 -22.23 -15.29
C ALA A 424 0.14 -22.19 -14.32
N ALA A 425 -1.00 -22.78 -14.69
CA ALA A 425 -2.13 -22.85 -13.78
C ALA A 425 -1.81 -23.69 -12.54
N LYS A 426 -1.10 -24.79 -12.73
CA LYS A 426 -0.68 -25.61 -11.59
C LYS A 426 0.22 -24.82 -10.66
N LEU A 427 1.17 -24.07 -11.21
CA LEU A 427 2.07 -23.26 -10.38
C LEU A 427 1.31 -22.17 -9.66
N TYR A 428 0.36 -21.53 -10.32
CA TYR A 428 -0.48 -20.52 -9.67
C TYR A 428 -1.25 -21.11 -8.50
N LEU A 429 -1.89 -22.27 -8.73
CA LEU A 429 -2.65 -22.92 -7.67
C LEU A 429 -1.75 -23.32 -6.51
N GLY A 430 -0.59 -23.90 -6.81
CA GLY A 430 0.32 -24.31 -5.75
C GLY A 430 0.85 -23.13 -4.95
N SER A 431 1.19 -22.04 -5.64
CA SER A 431 1.67 -20.86 -4.93
C SER A 431 0.59 -20.30 -4.02
N SER A 432 -0.65 -20.21 -4.51
CA SER A 432 -1.74 -19.71 -3.66
C SER A 432 -1.96 -20.63 -2.46
N VAL A 433 -1.98 -21.95 -2.69
CA VAL A 433 -2.25 -22.89 -1.61
C VAL A 433 -1.17 -22.80 -0.54
N PHE A 434 0.10 -22.86 -0.96
CA PHE A 434 1.20 -22.84 0.00
C PHE A 434 1.46 -21.45 0.58
N GLY A 435 0.90 -20.40 -0.02
CA GLY A 435 0.98 -19.09 0.60
C GLY A 435 -0.05 -18.93 1.69
N TYR A 436 -1.30 -19.30 1.41
CA TYR A 436 -2.32 -19.15 2.43
C TYR A 436 -2.20 -20.21 3.53
N LEU A 437 -1.62 -21.37 3.23
CA LEU A 437 -1.33 -22.33 4.30
C LEU A 437 -0.33 -21.75 5.30
N LEU A 438 0.72 -21.09 4.80
CA LEU A 438 1.67 -20.43 5.69
C LEU A 438 1.06 -19.24 6.39
N PHE A 439 0.16 -18.51 5.72
CA PHE A 439 -0.54 -17.41 6.36
C PHE A 439 -1.43 -17.88 7.51
N LEU A 440 -2.01 -19.09 7.38
CA LEU A 440 -2.76 -19.67 8.48
C LEU A 440 -1.91 -19.86 9.72
N SER A 441 -0.60 -20.06 9.54
CA SER A 441 0.29 -20.28 10.68
C SER A 441 0.41 -19.05 11.57
N LEU A 442 0.04 -17.87 11.06
CA LEU A 442 0.13 -16.65 11.86
C LEU A 442 -0.90 -16.60 12.99
N PHE A 443 -1.91 -17.46 12.96
CA PHE A 443 -2.87 -17.50 14.07
C PHE A 443 -2.20 -17.90 15.37
N ALA A 444 -1.28 -18.86 15.31
CA ALA A 444 -0.60 -19.32 16.52
C ALA A 444 0.39 -18.28 17.05
N LEU A 445 0.83 -17.34 16.21
CA LEU A 445 1.82 -16.34 16.60
C LEU A 445 1.11 -15.05 17.03
N GLY A 446 0.47 -15.12 18.18
CA GLY A 446 -0.25 -13.97 18.71
C GLY A 446 0.06 -13.66 20.16
N CYS A 447 0.32 -12.39 20.45
CA CYS A 447 0.49 -11.93 21.82
C CYS A 447 -0.83 -11.39 22.35
N GLU A 448 -1.02 -11.50 23.67
CA GLU A 448 -2.24 -11.01 24.29
C GLU A 448 -2.21 -9.49 24.41
N ASN A 449 -3.35 -8.92 24.77
CA ASN A 449 -3.47 -7.47 24.92
C ASN A 449 -2.56 -6.98 26.04
N SER A 450 -1.94 -5.82 25.80
CA SER A 450 -1.12 -5.19 26.83
C SER A 450 -1.99 -4.69 27.98
N ASP A 451 -1.43 -4.71 29.18
CA ASP A 451 -2.19 -4.30 30.35
C ASP A 451 -2.42 -2.79 30.33
N VAL A 452 -3.63 -2.38 29.96
CA VAL A 452 -4.02 -0.97 29.92
C VAL A 452 -5.15 -0.78 30.91
N ALA A 453 -4.96 0.13 31.87
CA ALA A 453 -5.92 0.34 32.93
C ALA A 453 -7.20 0.95 32.40
N GLY A 454 -8.33 0.32 32.72
CA GLY A 454 -9.64 0.82 32.35
C GLY A 454 -10.16 0.32 31.01
N LEU A 455 -9.30 -0.24 30.16
CA LEU A 455 -9.72 -0.74 28.86
C LEU A 455 -9.49 -2.23 28.70
N THR A 456 -8.30 -2.71 29.04
CA THR A 456 -8.01 -4.14 29.05
C THR A 456 -8.09 -4.74 30.45
N VAL A 457 -7.66 -3.98 31.45
CA VAL A 457 -7.77 -4.41 32.84
C VAL A 457 -8.31 -3.24 33.67
N SER A 458 -8.83 -3.58 34.85
CA SER A 458 -9.26 -2.55 35.78
C SER A 458 -8.05 -1.94 36.48
N TYR A 459 -8.31 -0.86 37.21
CA TYR A 459 -7.26 -0.19 37.98
C TYR A 459 -6.80 -1.06 39.14
N GLN A 460 -7.55 -2.11 39.44
CA GLN A 460 -7.16 -3.10 40.43
C GLN A 460 -6.29 -4.21 39.86
N GLY A 461 -5.92 -4.12 38.59
CA GLY A 461 -5.14 -5.16 37.95
C GLY A 461 -5.87 -6.47 37.78
N THR A 462 -7.14 -6.42 37.39
CA THR A 462 -7.97 -7.62 37.21
C THR A 462 -8.08 -7.92 35.72
N LYS A 463 -7.85 -9.18 35.36
CA LYS A 463 -7.80 -9.67 33.98
C LYS A 463 -9.23 -9.78 33.42
N PRO A 464 -9.43 -10.29 32.20
CA PRO A 464 -10.30 -9.62 31.22
C PRO A 464 -11.52 -8.93 31.82
N VAL A 465 -11.63 -7.64 31.55
CA VAL A 465 -12.76 -6.82 31.96
C VAL A 465 -13.70 -6.69 30.76
N SER A 466 -15.00 -6.54 31.01
CA SER A 466 -16.01 -6.63 29.96
C SER A 466 -16.23 -5.22 29.39
N TYR A 467 -17.17 -5.14 28.44
CA TYR A 467 -17.44 -3.88 27.75
C TYR A 467 -18.04 -2.83 28.68
N HIS A 468 -19.04 -3.21 29.47
CA HIS A 468 -19.78 -2.26 30.30
C HIS A 468 -18.93 -1.69 31.43
N GLU A 469 -17.78 -2.29 31.71
CA GLU A 469 -16.83 -1.75 32.66
C GLU A 469 -15.65 -1.19 31.86
N ARG A 470 -15.81 0.05 31.38
CA ARG A 470 -14.73 0.85 30.82
C ARG A 470 -14.74 2.13 31.63
N ALA A 471 -13.79 2.22 32.56
CA ALA A 471 -13.87 3.13 33.70
C ALA A 471 -12.67 4.06 33.76
N LEU A 472 -12.40 4.75 32.64
CA LEU A 472 -11.27 5.67 32.54
C LEU A 472 -11.14 6.60 33.74
N PHE A 473 -12.25 6.89 34.44
CA PHE A 473 -12.15 7.55 35.73
C PHE A 473 -12.37 6.53 36.85
N SER A 474 -11.50 6.58 37.85
CA SER A 474 -11.57 5.67 38.99
C SER A 474 -11.42 6.47 40.28
N ASP A 475 -11.43 5.75 41.40
CA ASP A 475 -11.27 6.38 42.71
C ASP A 475 -9.88 6.98 42.84
N CYS A 476 -8.85 6.28 42.35
CA CYS A 476 -7.47 6.71 42.50
C CYS A 476 -7.20 8.00 41.73
N ASN A 477 -7.95 8.25 40.66
CA ASN A 477 -7.77 9.45 39.86
C ASN A 477 -8.97 10.39 39.89
N SER A 478 -9.86 10.27 40.87
CA SER A 478 -10.99 11.20 40.97
C SER A 478 -10.53 12.60 41.31
N ARG A 479 -9.47 12.74 42.09
CA ARG A 479 -8.95 14.05 42.48
C ARG A 479 -8.38 14.84 41.31
N CYS A 480 -8.13 14.19 40.17
CA CYS A 480 -7.55 14.85 39.01
C CYS A 480 -8.59 14.94 37.91
N LYS A 481 -8.82 16.16 37.41
CA LYS A 481 -9.79 16.40 36.35
C LYS A 481 -9.09 16.16 35.00
N CYS A 482 -9.22 14.93 34.52
CA CYS A 482 -8.50 14.49 33.33
C CYS A 482 -9.40 14.53 32.10
N SER A 483 -8.77 14.66 30.94
CA SER A 483 -9.49 14.67 29.67
C SER A 483 -9.68 13.25 29.15
N GLU A 484 -10.89 12.93 28.72
CA GLU A 484 -11.20 11.59 28.23
C GLU A 484 -10.64 11.34 26.84
N THR A 485 -10.65 12.35 25.97
CA THR A 485 -10.30 12.14 24.57
C THR A 485 -8.80 11.98 24.35
N LYS A 486 -7.97 12.63 25.16
CA LYS A 486 -6.54 12.65 24.92
C LYS A 486 -5.91 11.30 25.24
N TRP A 487 -5.09 10.82 24.33
CA TRP A 487 -4.36 9.55 24.48
C TRP A 487 -2.88 9.89 24.58
N GLU A 488 -2.38 9.94 25.81
CA GLU A 488 -0.97 10.22 26.10
C GLU A 488 -0.47 9.10 27.01
N PRO A 489 -0.18 7.93 26.46
CA PRO A 489 -0.01 6.75 27.31
C PRO A 489 1.32 6.77 28.05
N MET A 490 1.25 6.32 29.31
CA MET A 490 2.42 6.21 30.17
C MET A 490 2.47 4.80 30.75
N CYS A 491 3.68 4.31 30.99
CA CYS A 491 3.88 2.95 31.46
C CYS A 491 4.36 2.99 32.91
N GLY A 492 3.60 2.37 33.80
CA GLY A 492 3.89 2.46 35.21
C GLY A 492 4.94 1.47 35.67
N GLU A 493 5.41 1.66 36.89
CA GLU A 493 6.39 0.75 37.48
C GLU A 493 5.80 -0.63 37.76
N ASN A 494 4.47 -0.71 37.93
CA ASN A 494 3.82 -1.99 38.19
C ASN A 494 3.54 -2.78 36.92
N GLY A 495 3.95 -2.27 35.75
CA GLY A 495 3.74 -2.97 34.51
C GLY A 495 2.40 -2.72 33.84
N ILE A 496 1.55 -1.87 34.41
CA ILE A 496 0.24 -1.57 33.85
C ILE A 496 0.31 -0.23 33.13
N THR A 497 -0.10 -0.21 31.87
CA THR A 497 -0.12 1.02 31.09
C THR A 497 -1.36 1.82 31.42
N TYR A 498 -1.21 3.14 31.50
CA TYR A 498 -2.32 4.05 31.77
C TYR A 498 -2.55 4.95 30.55
N VAL A 499 -3.81 5.31 30.33
CA VAL A 499 -4.17 6.08 29.15
C VAL A 499 -3.46 7.43 29.14
N SER A 500 -3.42 8.12 30.28
CA SER A 500 -2.69 9.37 30.38
C SER A 500 -2.10 9.48 31.78
N ALA A 501 -1.09 10.35 31.91
CA ALA A 501 -0.44 10.55 33.20
C ALA A 501 -1.41 11.09 34.23
N CYS A 502 -2.39 11.89 33.82
CA CYS A 502 -3.40 12.39 34.73
C CYS A 502 -4.20 11.23 35.33
N LEU A 503 -4.55 10.24 34.51
CA LEU A 503 -5.38 9.14 34.97
C LEU A 503 -4.63 8.21 35.93
N ALA A 504 -3.31 8.28 35.97
CA ALA A 504 -2.55 7.48 36.92
C ALA A 504 -2.41 8.14 38.28
N GLY A 505 -2.95 9.35 38.45
CA GLY A 505 -2.83 10.05 39.72
C GLY A 505 -1.48 10.67 39.95
N CYS A 506 -0.68 10.88 38.90
CA CYS A 506 0.65 11.43 39.05
C CYS A 506 0.57 12.93 39.34
N GLN A 507 1.36 13.38 40.31
CA GLN A 507 1.33 14.77 40.75
C GLN A 507 2.54 15.57 40.27
N THR A 508 3.70 14.95 40.13
CA THR A 508 4.92 15.65 39.76
C THR A 508 5.59 14.96 38.58
N SER A 509 6.27 15.75 37.76
CA SER A 509 6.98 15.25 36.59
C SER A 509 8.38 15.84 36.57
N ASN A 510 9.37 15.00 36.32
CA ASN A 510 10.77 15.42 36.26
C ASN A 510 11.38 14.95 34.95
N ARG A 511 12.03 15.86 34.24
CA ARG A 511 12.66 15.56 32.97
C ARG A 511 14.10 15.16 33.21
N SER A 512 14.40 13.88 32.97
CA SER A 512 15.75 13.33 33.14
C SER A 512 16.23 12.89 31.76
N GLY A 513 17.25 13.58 31.24
CA GLY A 513 17.78 13.25 29.94
C GLY A 513 16.72 13.40 28.87
N LYS A 514 16.59 12.37 28.03
CA LYS A 514 15.56 12.36 26.99
C LYS A 514 14.22 11.83 27.49
N ASN A 515 14.12 11.46 28.76
CA ASN A 515 12.92 10.82 29.29
C ASN A 515 12.25 11.72 30.32
N ILE A 516 10.98 11.44 30.59
CA ILE A 516 10.21 12.13 31.62
C ILE A 516 9.70 11.08 32.60
N ILE A 517 9.98 11.29 33.90
CA ILE A 517 9.57 10.37 34.94
C ILE A 517 8.51 11.05 35.80
N PHE A 518 7.39 10.37 35.99
CA PHE A 518 6.28 10.89 36.78
C PHE A 518 6.29 10.22 38.15
N TYR A 519 5.94 10.98 39.17
CA TYR A 519 6.02 10.51 40.55
C TYR A 519 4.68 10.71 41.26
N ASN A 520 4.56 10.07 42.41
CA ASN A 520 3.39 10.18 43.28
C ASN A 520 2.10 9.83 42.54
N CYS A 521 2.19 8.79 41.72
CA CYS A 521 1.04 8.33 40.93
C CYS A 521 0.19 7.44 41.83
N THR A 522 -1.01 7.91 42.17
CA THR A 522 -1.86 7.21 43.13
C THR A 522 -2.27 5.85 42.61
N CYS A 523 -2.67 5.77 41.33
CA CYS A 523 -3.14 4.51 40.77
C CYS A 523 -2.03 3.48 40.67
N VAL A 524 -0.81 3.94 40.39
CA VAL A 524 0.33 3.01 40.30
C VAL A 524 0.60 2.36 41.65
N GLY A 525 0.47 3.12 42.73
CA GLY A 525 0.79 2.60 44.06
C GLY A 525 -0.20 1.61 44.62
N ILE A 526 -1.40 1.52 44.04
CA ILE A 526 -2.40 0.58 44.53
C ILE A 526 -2.05 -0.84 44.08
N SER A 534 6.01 5.10 43.45
CA SER A 534 5.02 4.99 42.38
C SER A 534 5.42 5.84 41.18
N SER A 535 6.35 5.31 40.38
CA SER A 535 6.91 6.03 39.25
C SER A 535 6.43 5.43 37.93
N GLY A 536 6.63 6.19 36.87
CA GLY A 536 6.26 5.75 35.54
C GLY A 536 7.03 6.51 34.48
N ILE A 537 7.17 5.88 33.32
CA ILE A 537 7.89 6.48 32.20
C ILE A 537 6.91 6.75 31.07
N VAL A 538 7.40 7.48 30.07
CA VAL A 538 6.58 7.85 28.92
C VAL A 538 6.54 6.70 27.93
N GLY A 539 5.37 6.44 27.37
CA GLY A 539 5.17 5.37 26.42
C GLY A 539 4.44 4.19 27.05
N ARG A 540 4.12 3.23 26.20
CA ARG A 540 3.46 2.00 26.63
C ARG A 540 4.46 1.01 27.18
N CYS A 541 4.02 0.19 28.14
CA CYS A 541 4.87 -0.89 28.64
C CYS A 541 5.11 -1.91 27.54
N GLN A 542 6.35 -2.41 27.49
CA GLN A 542 6.71 -3.43 26.52
C GLN A 542 6.01 -4.75 26.84
N LYS A 543 5.67 -5.49 25.79
CA LYS A 543 5.08 -6.81 25.93
C LYS A 543 6.18 -7.80 26.32
N ASP A 544 6.04 -8.40 27.50
CA ASP A 544 7.12 -9.14 28.13
C ASP A 544 7.17 -10.59 27.70
N ASN A 545 6.07 -11.32 27.88
CA ASN A 545 6.10 -12.77 27.77
C ASN A 545 6.22 -13.24 26.33
N GLY A 546 7.45 -13.23 25.80
CA GLY A 546 7.73 -13.88 24.54
C GLY A 546 7.10 -13.27 23.31
N CYS A 547 6.64 -12.04 23.38
CA CYS A 547 6.06 -11.40 22.20
C CYS A 547 7.13 -11.01 21.18
N PRO A 548 8.30 -10.53 21.59
CA PRO A 548 9.37 -10.34 20.59
C PRO A 548 9.74 -11.61 19.84
N GLN A 549 9.76 -12.75 20.52
CA GLN A 549 10.00 -14.01 19.83
C GLN A 549 8.87 -14.34 18.87
N MET A 550 7.62 -14.08 19.29
CA MET A 550 6.49 -14.27 18.40
C MET A 550 6.56 -13.31 17.23
N PHE A 551 7.04 -12.09 17.47
CA PHE A 551 7.23 -11.13 16.36
C PHE A 551 8.29 -11.62 15.38
N LEU A 552 9.38 -12.20 15.88
CA LEU A 552 10.40 -12.76 15.00
C LEU A 552 9.85 -13.90 14.15
N TYR A 553 9.11 -14.82 14.78
CA TYR A 553 8.49 -15.90 14.01
C TYR A 553 7.50 -15.35 12.98
N PHE A 554 6.73 -14.34 13.36
CA PHE A 554 5.81 -13.69 12.44
C PHE A 554 6.56 -13.11 11.25
N LEU A 555 7.69 -12.45 11.52
CA LEU A 555 8.49 -11.86 10.44
C LEU A 555 8.96 -12.93 9.47
N VAL A 556 9.51 -14.02 9.99
CA VAL A 556 10.01 -15.09 9.12
C VAL A 556 8.88 -15.66 8.27
N ILE A 557 7.76 -16.01 8.93
CA ILE A 557 6.67 -16.67 8.22
C ILE A 557 6.02 -15.71 7.22
N SER A 558 5.92 -14.43 7.56
CA SER A 558 5.34 -13.46 6.65
C SER A 558 6.23 -13.24 5.43
N VAL A 559 7.55 -13.23 5.62
CA VAL A 559 8.45 -13.12 4.46
C VAL A 559 8.29 -14.32 3.54
N ILE A 560 8.27 -15.52 4.13
CA ILE A 560 8.11 -16.73 3.32
C ILE A 560 6.76 -16.72 2.60
N THR A 561 5.71 -16.26 3.29
CA THR A 561 4.38 -16.20 2.69
C THR A 561 4.34 -15.21 1.54
N SER A 562 4.97 -14.04 1.72
CA SER A 562 5.01 -13.06 0.64
C SER A 562 5.72 -13.61 -0.58
N TYR A 563 6.86 -14.28 -0.36
CA TYR A 563 7.58 -14.89 -1.48
C TYR A 563 6.71 -15.94 -2.19
N THR A 564 6.06 -16.79 -1.41
CA THR A 564 5.27 -17.88 -1.99
C THR A 564 4.09 -17.32 -2.78
N LEU A 565 3.40 -16.32 -2.23
CA LEU A 565 2.28 -15.71 -2.94
C LEU A 565 2.74 -15.00 -4.21
N SER A 566 3.88 -14.32 -4.16
CA SER A 566 4.40 -13.65 -5.34
C SER A 566 4.93 -14.62 -6.38
N LEU A 567 5.23 -15.85 -5.99
CA LEU A 567 5.70 -16.86 -6.95
C LEU A 567 4.73 -17.07 -8.10
N GLY A 568 3.43 -16.94 -7.86
CA GLY A 568 2.43 -17.15 -8.88
C GLY A 568 1.93 -15.92 -9.61
N GLY A 569 2.59 -14.77 -9.43
CA GLY A 569 2.12 -13.57 -10.09
C GLY A 569 2.25 -13.63 -11.60
N ILE A 570 3.38 -14.12 -12.09
CA ILE A 570 3.65 -14.20 -13.53
C ILE A 570 2.92 -15.39 -14.17
N PRO A 571 2.84 -16.57 -13.52
CA PRO A 571 2.03 -17.65 -14.10
C PRO A 571 0.59 -17.25 -14.36
N GLY A 572 -0.02 -16.49 -13.45
CA GLY A 572 -1.36 -16.00 -13.69
C GLY A 572 -1.42 -15.00 -14.82
N TYR A 573 -0.40 -14.16 -14.94
CA TYR A 573 -0.31 -13.22 -16.05
C TYR A 573 -0.24 -13.94 -17.39
N ILE A 574 0.53 -15.02 -17.46
CA ILE A 574 0.59 -15.84 -18.68
C ILE A 574 -0.74 -16.53 -18.91
N LEU A 575 -1.40 -16.97 -17.84
CA LEU A 575 -2.75 -17.54 -17.96
C LEU A 575 -3.70 -16.55 -18.61
N LEU A 576 -3.60 -15.27 -18.23
CA LEU A 576 -4.48 -14.25 -18.79
C LEU A 576 -4.27 -14.08 -20.29
N LEU A 577 -3.07 -14.36 -20.78
CA LEU A 577 -2.70 -13.99 -22.14
C LEU A 577 -2.78 -15.14 -23.14
N ARG A 578 -2.62 -16.39 -22.71
CA ARG A 578 -2.44 -17.50 -23.63
C ARG A 578 -3.73 -18.22 -23.96
N CYS A 579 -4.88 -17.73 -23.49
CA CYS A 579 -6.14 -18.37 -23.84
C CYS A 579 -7.09 -17.43 -24.58
N ILE A 580 -6.70 -16.20 -24.86
CA ILE A 580 -7.49 -15.27 -25.65
C ILE A 580 -6.92 -15.25 -27.07
N LYS A 581 -7.74 -14.80 -28.03
CA LYS A 581 -7.26 -14.61 -29.38
C LYS A 581 -6.22 -13.49 -29.38
N PRO A 582 -5.13 -13.62 -30.14
CA PRO A 582 -4.00 -12.69 -29.96
C PRO A 582 -4.31 -11.23 -30.24
N GLN A 583 -5.38 -10.93 -30.98
CA GLN A 583 -5.70 -9.54 -31.29
C GLN A 583 -6.31 -8.78 -30.12
N LEU A 584 -6.72 -9.47 -29.05
CA LEU A 584 -7.38 -8.83 -27.93
C LEU A 584 -6.53 -8.83 -26.66
N LYS A 585 -5.21 -8.89 -26.76
CA LYS A 585 -4.38 -8.91 -25.56
C LYS A 585 -4.44 -7.58 -24.82
N SER A 586 -4.35 -6.47 -25.55
CA SER A 586 -4.41 -5.16 -24.91
C SER A 586 -5.77 -4.93 -24.25
N PHE A 587 -6.85 -5.29 -24.95
CA PHE A 587 -8.18 -5.11 -24.39
C PHE A 587 -8.38 -5.97 -23.15
N ALA A 588 -7.90 -7.22 -23.20
CA ALA A 588 -8.02 -8.10 -22.04
C ALA A 588 -7.21 -7.58 -20.86
N LEU A 589 -6.00 -7.08 -21.11
CA LEU A 589 -5.20 -6.50 -20.04
C LEU A 589 -5.87 -5.27 -19.44
N GLY A 590 -6.47 -4.42 -20.28
CA GLY A 590 -7.19 -3.27 -19.78
C GLY A 590 -8.38 -3.65 -18.92
N ILE A 591 -9.15 -4.64 -19.38
CA ILE A 591 -10.29 -5.11 -18.60
C ILE A 591 -9.83 -5.69 -17.27
N TYR A 592 -8.74 -6.46 -17.28
CA TYR A 592 -8.18 -7.04 -16.07
C TYR A 592 -7.76 -5.96 -15.08
N THR A 593 -7.04 -4.94 -15.57
CA THR A 593 -6.62 -3.85 -14.70
C THR A 593 -7.81 -3.09 -14.13
N LEU A 594 -8.81 -2.82 -14.98
CA LEU A 594 -10.01 -2.13 -14.52
C LEU A 594 -10.73 -2.93 -13.44
N ALA A 595 -10.86 -4.24 -13.65
CA ALA A 595 -11.54 -5.09 -12.66
C ALA A 595 -10.77 -5.13 -11.35
N ILE A 596 -9.44 -5.26 -11.42
CA ILE A 596 -8.64 -5.29 -10.20
C ILE A 596 -8.75 -3.99 -9.44
N ARG A 597 -8.74 -2.86 -10.16
CA ARG A 597 -8.84 -1.57 -9.50
C ARG A 597 -10.22 -1.36 -8.87
N VAL A 598 -11.28 -1.67 -9.62
CA VAL A 598 -12.63 -1.32 -9.18
C VAL A 598 -13.13 -2.29 -8.11
N LEU A 599 -12.86 -3.58 -8.27
CA LEU A 599 -13.41 -4.59 -7.39
C LEU A 599 -12.47 -5.03 -6.27
N ALA A 600 -11.16 -4.79 -6.41
CA ALA A 600 -10.20 -5.18 -5.39
C ALA A 600 -9.44 -3.99 -4.83
N GLY A 601 -8.92 -3.11 -5.68
CA GLY A 601 -8.08 -2.02 -5.19
C GLY A 601 -8.84 -1.05 -4.31
N ILE A 602 -10.04 -0.65 -4.74
CA ILE A 602 -10.85 0.32 -4.01
C ILE A 602 -11.58 -0.32 -2.83
N PRO A 603 -12.37 -1.39 -3.02
CA PRO A 603 -13.23 -1.85 -1.92
C PRO A 603 -12.47 -2.53 -0.79
N ALA A 604 -11.41 -3.29 -1.08
CA ALA A 604 -10.77 -4.13 -0.07
C ALA A 604 -10.29 -3.34 1.14
N PRO A 605 -9.61 -2.21 0.99
CA PRO A 605 -9.24 -1.43 2.18
C PRO A 605 -10.44 -0.99 3.01
N VAL A 606 -11.55 -0.63 2.37
CA VAL A 606 -12.66 -0.01 3.08
C VAL A 606 -13.28 -0.97 4.09
N TYR A 607 -13.77 -2.12 3.64
CA TYR A 607 -14.41 -3.06 4.55
C TYR A 607 -13.43 -3.78 5.46
N PHE A 608 -12.18 -3.98 5.02
CA PHE A 608 -11.15 -4.46 5.94
C PHE A 608 -11.00 -3.50 7.11
N GLY A 609 -10.90 -2.20 6.84
CA GLY A 609 -10.80 -1.21 7.89
C GLY A 609 -12.03 -1.16 8.78
N VAL A 610 -13.21 -1.23 8.18
CA VAL A 610 -14.44 -1.19 8.96
C VAL A 610 -14.51 -2.37 9.93
N LEU A 611 -14.28 -3.58 9.43
CA LEU A 611 -14.28 -4.75 10.30
C LEU A 611 -13.18 -4.67 11.35
N ILE A 612 -12.01 -4.16 10.96
CA ILE A 612 -10.93 -3.93 11.91
C ILE A 612 -11.34 -2.86 12.93
N ASP A 613 -11.98 -1.78 12.46
CA ASP A 613 -12.42 -0.73 13.37
C ASP A 613 -13.46 -1.23 14.37
N THR A 614 -14.17 -2.31 14.06
CA THR A 614 -15.08 -2.90 15.05
C THR A 614 -14.34 -3.39 16.29
N SER A 615 -13.02 -3.57 16.20
CA SER A 615 -12.24 -4.09 17.30
C SER A 615 -11.49 -3.01 18.08
N CYS A 616 -11.84 -1.74 17.87
CA CYS A 616 -11.14 -0.65 18.54
C CYS A 616 -11.65 -0.49 19.97
N LEU A 617 -10.73 -0.20 20.89
CA LEU A 617 -11.10 0.03 22.29
C LEU A 617 -11.07 1.50 22.68
N LYS A 618 -10.26 2.32 22.00
CA LYS A 618 -10.13 3.73 22.35
C LYS A 618 -9.91 4.51 21.07
N TRP A 619 -10.78 5.49 20.81
CA TRP A 619 -10.73 6.28 19.59
C TRP A 619 -10.06 7.63 19.85
N GLY A 620 -9.01 7.92 19.09
CA GLY A 620 -8.42 9.25 19.13
C GLY A 620 -9.22 10.24 18.31
N PHE A 621 -8.90 11.51 18.48
CA PHE A 621 -9.59 12.59 17.79
C PHE A 621 -8.58 13.55 17.14
N LYS A 622 -9.02 14.16 16.04
CA LYS A 622 -8.21 15.19 15.41
C LYS A 622 -8.43 16.54 16.10
N ARG A 623 -7.76 17.57 15.59
CA ARG A 623 -7.85 18.89 16.20
C ARG A 623 -9.24 19.48 16.07
N CYS A 624 -9.95 19.14 14.99
CA CYS A 624 -11.30 19.64 14.77
C CYS A 624 -12.37 18.77 15.44
N GLY A 625 -11.97 17.79 16.24
CA GLY A 625 -12.91 16.91 16.88
C GLY A 625 -13.33 15.70 16.08
N SER A 626 -12.88 15.60 14.83
CA SER A 626 -13.20 14.44 14.01
C SER A 626 -12.43 13.21 14.50
N ARG A 627 -13.03 12.04 14.33
CA ARG A 627 -12.41 10.79 14.76
C ARG A 627 -11.14 10.53 13.97
N GLY A 628 -10.03 10.42 14.69
CA GLY A 628 -8.76 10.05 14.09
C GLY A 628 -8.56 8.55 14.06
N SER A 629 -7.31 8.15 13.91
CA SER A 629 -6.98 6.74 13.93
C SER A 629 -7.14 6.18 15.33
N CYS A 630 -7.55 4.91 15.40
CA CYS A 630 -7.70 4.23 16.69
C CYS A 630 -6.34 4.03 17.34
N ARG A 631 -6.29 4.23 18.66
CA ARG A 631 -5.04 4.11 19.40
C ARG A 631 -4.84 2.73 19.99
N LEU A 632 -5.91 2.07 20.42
CA LEU A 632 -5.82 0.78 21.10
C LEU A 632 -6.84 -0.18 20.52
N TYR A 633 -6.38 -1.28 19.95
CA TYR A 633 -7.24 -2.34 19.49
C TYR A 633 -7.20 -3.52 20.46
N ASP A 634 -8.21 -4.38 20.37
CA ASP A 634 -8.23 -5.65 21.09
C ASP A 634 -7.41 -6.63 20.26
N SER A 635 -6.31 -7.13 20.85
CA SER A 635 -5.35 -7.93 20.08
C SER A 635 -6.02 -9.18 19.51
N ASN A 636 -6.80 -9.89 20.33
CA ASN A 636 -7.39 -11.15 19.88
C ASN A 636 -8.38 -10.92 18.74
N VAL A 637 -9.30 -9.96 18.93
CA VAL A 637 -10.32 -9.70 17.90
C VAL A 637 -9.66 -9.14 16.65
N PHE A 638 -8.70 -8.23 16.81
CA PHE A 638 -7.99 -7.67 15.68
C PHE A 638 -7.31 -8.76 14.86
N ARG A 639 -6.55 -9.64 15.53
CA ARG A 639 -5.87 -10.71 14.84
C ARG A 639 -6.85 -11.65 14.16
N HIS A 640 -7.92 -12.04 14.87
CA HIS A 640 -8.93 -12.92 14.27
C HIS A 640 -9.50 -12.32 13.00
N ILE A 641 -9.98 -11.08 13.04
CA ILE A 641 -10.59 -10.48 11.86
C ILE A 641 -9.58 -10.34 10.73
N TYR A 642 -8.41 -9.77 11.04
CA TYR A 642 -7.43 -9.46 10.01
C TYR A 642 -6.94 -10.72 9.30
N LEU A 643 -6.65 -11.77 10.06
CA LEU A 643 -6.16 -12.99 9.43
C LEU A 643 -7.31 -13.78 8.78
N GLY A 644 -8.48 -13.80 9.41
CA GLY A 644 -9.58 -14.61 8.91
C GLY A 644 -10.13 -14.11 7.60
N LEU A 645 -10.27 -12.78 7.46
CA LEU A 645 -10.76 -12.25 6.19
C LEU A 645 -9.81 -12.60 5.04
N THR A 646 -8.51 -12.40 5.26
CA THR A 646 -7.51 -12.73 4.25
C THR A 646 -7.55 -14.22 3.91
N VAL A 647 -7.62 -15.09 4.92
CA VAL A 647 -7.60 -16.52 4.66
C VAL A 647 -8.88 -16.98 3.94
N ILE A 648 -10.04 -16.45 4.31
CA ILE A 648 -11.28 -16.85 3.65
C ILE A 648 -11.28 -16.42 2.19
N LEU A 649 -10.87 -15.18 1.93
CA LEU A 649 -10.79 -14.72 0.54
C LEU A 649 -9.77 -15.53 -0.25
N GLY A 650 -8.64 -15.88 0.38
CA GLY A 650 -7.66 -16.72 -0.27
C GLY A 650 -8.19 -18.10 -0.60
N THR A 651 -9.00 -18.67 0.31
CA THR A 651 -9.60 -19.98 0.07
C THR A 651 -10.57 -19.92 -1.10
N VAL A 652 -11.37 -18.86 -1.18
CA VAL A 652 -12.26 -18.69 -2.33
C VAL A 652 -11.45 -18.59 -3.61
N SER A 653 -10.34 -17.85 -3.57
CA SER A 653 -9.46 -17.75 -4.73
C SER A 653 -8.89 -19.11 -5.11
N ILE A 654 -8.53 -19.93 -4.12
CA ILE A 654 -8.00 -21.26 -4.40
C ILE A 654 -9.06 -22.12 -5.08
N LEU A 655 -10.31 -22.05 -4.62
CA LEU A 655 -11.38 -22.80 -5.27
C LEU A 655 -11.56 -22.36 -6.72
N LEU A 656 -11.55 -21.05 -6.95
CA LEU A 656 -11.67 -20.56 -8.33
C LEU A 656 -10.48 -20.99 -9.18
N SER A 657 -9.28 -21.02 -8.61
CA SER A 657 -8.11 -21.48 -9.34
C SER A 657 -8.22 -22.97 -9.69
N ILE A 658 -8.78 -23.77 -8.78
CA ILE A 658 -9.02 -25.17 -9.08
C ILE A 658 -10.01 -25.30 -10.25
N ALA A 659 -11.05 -24.46 -10.26
CA ALA A 659 -11.98 -24.46 -11.39
C ALA A 659 -11.26 -24.11 -12.69
N VAL A 660 -10.38 -23.11 -12.65
CA VAL A 660 -9.63 -22.70 -13.84
C VAL A 660 -8.78 -23.86 -14.35
N LEU A 661 -8.08 -24.54 -13.43
CA LEU A 661 -7.26 -25.67 -13.81
C LEU A 661 -8.10 -26.80 -14.41
N PHE A 662 -9.26 -27.07 -13.83
CA PHE A 662 -10.14 -28.10 -14.38
C PHE A 662 -10.58 -27.76 -15.80
N ILE A 663 -10.95 -26.50 -16.03
CA ILE A 663 -11.38 -26.14 -17.38
C ILE A 663 -10.23 -26.19 -18.37
N LEU A 664 -9.02 -25.79 -17.95
CA LEU A 664 -7.86 -25.93 -18.82
C LEU A 664 -7.60 -27.38 -19.18
N LYS A 665 -7.71 -28.29 -18.20
CA LYS A 665 -7.54 -29.70 -18.49
C LYS A 665 -8.64 -30.20 -19.43
N LYS A 666 -9.86 -29.70 -19.26
CA LYS A 666 -10.96 -30.10 -20.14
C LYS A 666 -10.72 -29.65 -21.57
N ASN A 667 -10.21 -28.42 -21.74
CA ASN A 667 -9.98 -27.89 -23.08
C ASN A 667 -8.52 -28.04 -23.48
C10 FY5 B . 0.70 -9.11 -7.25
C13 FY5 B . 2.11 -10.91 -1.66
C15 FY5 B . 2.48 -8.39 -1.92
C17 FY5 B . 3.11 -7.05 -0.03
C01 FY5 B . 2.91 -9.40 -6.42
C02 FY5 B . 1.54 -8.83 -6.03
C03 FY5 B . 1.58 -7.37 -5.57
C04 FY5 B . 1.62 -7.24 -4.04
C05 FY5 B . 2.18 -8.50 -3.38
C06 FY5 B . 1.25 -9.69 -3.62
C07 FY5 B . 0.73 -9.68 -5.06
C08 FY5 B . 0.48 -10.99 -5.79
C09 FY5 B . 0.16 -10.52 -7.22
C12 FY5 B . 1.96 -10.95 -3.17
C14 FY5 B . 2.46 -9.53 -1.12
C16 FY5 B . 2.81 -7.16 -1.38
C18 FY5 B . 3.07 -8.18 0.78
C19 FY5 B . 2.75 -9.41 0.23
O11 FY5 B . 0.51 -8.31 -8.14
O20 FY5 B . 3.36 -8.10 2.12
O22 FY5 B . 4.66 -6.01 2.33
O23 FY5 B . 2.28 -5.98 2.76
O24 FY5 B . 3.78 -7.06 4.30
S21 FY5 B . 3.52 -6.77 2.87
C10 FY5 C . 0.68 26.10 4.62
C13 FY5 C . 4.23 21.29 3.95
C15 FY5 C . 3.57 21.59 6.41
C17 FY5 C . 4.23 19.95 8.04
C01 FY5 C . 3.00 26.01 5.14
C02 FY5 C . 1.70 25.21 5.29
C03 FY5 C . 1.39 24.78 6.72
C04 FY5 C . 1.80 23.33 7.01
C05 FY5 C . 2.92 22.87 6.07
C06 FY5 C . 2.43 22.82 4.63
C07 FY5 C . 1.53 24.03 4.34
C08 FY5 C . 1.50 24.63 2.93
C09 FY5 C . 0.69 25.92 3.13
C12 FY5 C . 3.62 22.66 3.71
C14 FY5 C . 4.21 20.86 5.41
C16 FY5 C . 3.59 21.14 7.73
C18 FY5 C . 4.85 19.20 7.05
C19 FY5 C . 4.83 19.68 5.74
O11 FY5 C . -0.05 26.86 5.22
O20 FY5 C . 5.48 18.01 7.35
O22 FY5 C . 7.30 18.00 5.65
O23 FY5 C . 7.80 18.68 7.91
O24 FY5 C . 7.32 16.37 7.42
S21 FY5 C . 6.98 17.78 7.08
C10 FY5 D . 1.32 17.12 -0.86
C13 FY5 D . -1.26 22.59 -0.96
C15 FY5 D . -1.01 21.74 1.43
C17 FY5 D . -1.67 23.12 3.29
C01 FY5 D . -0.98 17.50 -0.38
C02 FY5 D . 0.42 18.07 -0.12
C03 FY5 D . 0.74 18.26 1.37
C04 FY5 D . 0.48 19.70 1.86
C05 FY5 D . -0.49 20.45 0.93
C06 FY5 D . 0.13 20.62 -0.45
C07 FY5 D . 0.81 19.32 -0.89
C08 FY5 D . 0.79 18.90 -2.35
C09 FY5 D . 1.46 17.52 -2.31
C12 FY5 D . -0.93 21.16 -1.39
C14 FY5 D . -1.40 22.74 0.55
C16 FY5 D . -1.16 21.93 2.80
C18 FY5 D . -2.05 24.13 2.41
C19 FY5 D . -1.89 23.94 1.05
O11 FY5 D . 1.85 16.15 -0.36
O20 FY5 D . -2.54 25.31 2.91
O22 FY5 D . -3.06 26.84 1.07
O23 FY5 D . -4.68 25.17 1.69
O24 FY5 D . -4.26 27.05 3.15
S21 FY5 D . -3.65 26.10 2.19
#